data_4XZR
#
_entry.id   4XZR
#
_cell.length_a   129.682
_cell.length_b   58.306
_cell.length_c   95.372
_cell.angle_alpha   90.00
_cell.angle_beta   129.32
_cell.angle_gamma   90.00
#
_symmetry.space_group_name_H-M   'C 1 2 1'
#
loop_
_entity.id
_entity.type
_entity.pdbx_description
1 polymer 'Inner nuclear membrane protein SRC1'
2 polymer 'Importin subunit alpha'
3 water water
#
loop_
_entity_poly.entity_id
_entity_poly.type
_entity_poly.pdbx_seq_one_letter_code
_entity_poly.pdbx_strand_id
1 'polypeptide(L)' SDTRKKRKDPDSDDWSESNSKENKIDNKHLNLLSSDSEIEQDYQKAKKRKTSDL A
2 'polypeptide(L)'
;AELPQMTQQLNSDDMQEQLSATVKFRQILSREHRPPIDVVIQAGVVPRLVEFMRENQPEMLQLEAAWALTNIASGTSAQT
KVVVDADAVPLFIQLLYTGSVEVKEQAIWALGNVAGDSTDYRDYVLQCNAMEPILGLFNSNKPSLIRTATWTLSNLCRGK
KPQPDWSVVSQALPTLAKLIYSMDTETLVDACWAISYLSDGPQEAIQAVIDVRIPKRLVELLSHESTLVQTPALRAVGNI
VTGNDLQTQVVINAGVLPALRLLLSSPKENIKKEACWTISNITAGNTEQIQAVIDANLIPPLVKLLEVAEYKTKKEACWA
ISNASSGGLQRPDIIRYLVSQGCIKPLCDLLEIADNRIIEVTLDALENILKMGEADKEARGLNINENADFIEKAGGMEKI
FNCQQNENDKIYEKAYKIIETYF
;
B
#
# COMPACT_ATOMS: atom_id res chain seq x y z
N THR A 3 24.17 8.07 0.77
CA THR A 3 22.85 8.69 0.79
C THR A 3 22.12 8.66 2.11
N ARG A 4 20.92 9.23 2.13
CA ARG A 4 20.25 9.54 3.39
C ARG A 4 18.79 9.08 3.43
N LYS A 5 18.53 7.95 4.09
CA LYS A 5 17.18 7.38 4.12
C LYS A 5 16.90 6.16 4.99
N LYS A 6 15.72 5.56 4.86
CA LYS A 6 15.04 5.19 3.62
C LYS A 6 13.79 5.78 4.21
N ARG A 7 12.75 5.92 3.42
CA ARG A 7 11.44 6.36 3.91
C ARG A 7 10.42 5.26 3.65
N LYS A 8 9.92 4.65 4.72
CA LYS A 8 8.97 3.54 4.63
C LYS A 8 7.66 3.97 4.00
N ASP A 9 7.35 5.26 4.09
CA ASP A 9 6.14 5.81 3.49
C ASP A 9 6.45 7.07 2.71
N PRO A 10 5.67 7.34 1.64
CA PRO A 10 5.82 8.59 0.90
C PRO A 10 5.23 9.79 1.66
N ASP A 11 6.10 10.55 2.32
CA ASP A 11 5.78 11.79 3.06
C ASP A 11 4.31 12.05 3.37
N SER A 18 -7.81 -0.39 -1.44
CA SER A 18 -8.60 -1.56 -1.04
C SER A 18 -9.79 -1.03 -0.27
N ASN A 19 -10.70 -1.92 0.12
CA ASN A 19 -12.07 -1.52 0.42
C ASN A 19 -12.74 -2.28 1.56
N SER A 20 -12.65 -1.71 2.74
CA SER A 20 -12.72 -2.35 4.05
C SER A 20 -13.90 -3.32 4.17
N LYS A 21 -15.11 -2.82 3.95
CA LYS A 21 -16.29 -3.66 4.00
C LYS A 21 -17.06 -3.65 2.68
N GLU A 22 -17.58 -4.81 2.30
CA GLU A 22 -18.38 -4.94 1.08
C GLU A 22 -19.70 -5.64 1.39
N ASN A 23 -20.74 -5.25 0.67
CA ASN A 23 -22.03 -5.92 0.81
C ASN A 23 -22.29 -6.89 -0.34
N LYS A 24 -22.96 -7.98 -0.04
CA LYS A 24 -23.25 -9.01 -1.05
C LYS A 24 -24.65 -8.86 -1.62
N ILE A 25 -24.77 -8.14 -2.73
CA ILE A 25 -26.05 -7.98 -3.39
C ILE A 25 -26.24 -9.02 -4.49
N ASP A 26 -25.19 -9.84 -4.70
CA ASP A 26 -25.17 -10.85 -5.76
C ASP A 26 -25.43 -10.23 -7.14
N ALA B 1 -37.57 -7.78 18.99
CA ALA B 1 -38.49 -6.70 18.62
C ALA B 1 -39.93 -7.18 18.63
N GLU B 2 -40.43 -7.59 17.46
CA GLU B 2 -41.86 -7.59 17.19
C GLU B 2 -42.30 -8.89 16.53
N LEU B 3 -41.53 -9.34 15.54
CA LEU B 3 -41.98 -10.39 14.64
C LEU B 3 -42.52 -11.59 15.41
N PRO B 4 -43.83 -11.96 15.11
CA PRO B 4 -44.04 -13.40 15.29
C PRO B 4 -44.00 -14.16 13.96
N GLN B 5 -43.98 -15.48 14.03
CA GLN B 5 -44.32 -16.30 12.87
C GLN B 5 -43.48 -15.91 11.65
N MET B 6 -42.46 -15.08 11.89
CA MET B 6 -41.37 -14.93 10.94
C MET B 6 -40.10 -15.14 11.75
N THR B 7 -40.20 -14.83 13.04
CA THR B 7 -39.19 -15.19 14.02
C THR B 7 -39.57 -16.55 14.61
N GLN B 8 -40.86 -16.77 14.79
CA GLN B 8 -41.36 -18.05 15.30
C GLN B 8 -41.16 -19.15 14.26
N GLN B 9 -41.40 -18.83 12.99
CA GLN B 9 -41.19 -19.81 11.92
C GLN B 9 -39.69 -19.95 11.66
N LEU B 10 -38.92 -18.97 12.12
CA LEU B 10 -37.47 -19.08 12.11
C LEU B 10 -37.03 -19.98 13.25
N ASN B 11 -37.78 -19.92 14.34
CA ASN B 11 -37.56 -20.80 15.48
C ASN B 11 -38.30 -22.12 15.32
N SER B 12 -39.01 -22.26 14.21
CA SER B 12 -39.73 -23.50 13.92
C SER B 12 -38.76 -24.65 13.67
N ASP B 13 -39.25 -25.88 13.81
CA ASP B 13 -38.45 -27.06 13.52
C ASP B 13 -38.68 -27.54 12.07
N ASP B 14 -39.66 -26.94 11.42
CA ASP B 14 -39.91 -27.21 10.01
C ASP B 14 -38.82 -26.58 9.16
N MET B 15 -38.00 -27.43 8.54
CA MET B 15 -36.83 -26.98 7.80
C MET B 15 -37.16 -26.06 6.63
N GLN B 16 -38.34 -26.21 6.06
CA GLN B 16 -38.73 -25.42 4.90
C GLN B 16 -39.05 -23.97 5.28
N GLU B 17 -39.85 -23.80 6.33
CA GLU B 17 -40.23 -22.46 6.77
C GLU B 17 -39.09 -21.79 7.52
N GLN B 18 -38.09 -22.58 7.91
CA GLN B 18 -36.85 -22.01 8.43
C GLN B 18 -36.12 -21.29 7.30
N LEU B 19 -36.13 -21.91 6.13
CA LEU B 19 -35.45 -21.36 4.96
C LEU B 19 -36.22 -20.16 4.41
N SER B 20 -37.54 -20.28 4.35
CA SER B 20 -38.39 -19.22 3.82
C SER B 20 -38.22 -17.92 4.60
N ALA B 21 -38.09 -18.05 5.92
CA ALA B 21 -37.89 -16.90 6.79
C ALA B 21 -36.50 -16.31 6.58
N THR B 22 -35.50 -17.18 6.51
CA THR B 22 -34.11 -16.75 6.36
C THR B 22 -33.90 -16.00 5.04
N VAL B 23 -34.53 -16.50 3.97
CA VAL B 23 -34.46 -15.85 2.66
C VAL B 23 -35.02 -14.44 2.74
N LYS B 24 -36.16 -14.30 3.44
CA LYS B 24 -36.77 -12.99 3.64
C LYS B 24 -35.82 -12.03 4.32
N PHE B 25 -35.18 -12.47 5.39
CA PHE B 25 -34.20 -11.65 6.09
C PHE B 25 -33.02 -11.29 5.20
N ARG B 26 -32.58 -12.25 4.39
CA ARG B 26 -31.46 -12.04 3.49
C ARG B 26 -31.78 -10.98 2.44
N GLN B 27 -32.95 -11.11 1.81
CA GLN B 27 -33.37 -10.18 0.77
C GLN B 27 -33.50 -8.76 1.32
N ILE B 28 -33.88 -8.66 2.59
CA ILE B 28 -33.99 -7.39 3.28
C ILE B 28 -32.61 -6.78 3.53
N LEU B 29 -31.67 -7.62 3.95
CA LEU B 29 -30.33 -7.18 4.30
C LEU B 29 -29.45 -6.93 3.07
N SER B 30 -29.80 -7.53 1.94
CA SER B 30 -29.10 -7.27 0.70
C SER B 30 -29.39 -5.85 0.23
N ARG B 31 -28.55 -4.91 0.65
CA ARG B 31 -28.84 -3.49 0.47
C ARG B 31 -28.69 -3.02 -0.98
N GLU B 32 -29.82 -2.72 -1.60
CA GLU B 32 -29.81 -1.89 -2.80
C GLU B 32 -29.14 -0.59 -2.37
N HIS B 33 -29.69 0.02 -1.33
CA HIS B 33 -28.88 0.77 -0.37
C HIS B 33 -29.42 0.60 1.04
N ARG B 34 -28.60 0.96 2.03
CA ARG B 34 -29.05 1.72 3.18
C ARG B 34 -29.90 0.86 4.12
N PRO B 35 -29.36 -0.38 4.47
CA PRO B 35 -30.41 -1.37 4.72
C PRO B 35 -30.67 -1.56 6.21
N PRO B 36 -31.88 -1.98 6.56
CA PRO B 36 -32.37 -1.85 7.92
C PRO B 36 -31.77 -2.90 8.86
N ILE B 37 -30.47 -2.82 9.06
CA ILE B 37 -29.75 -3.80 9.86
C ILE B 37 -30.17 -3.75 11.33
N ASP B 38 -30.36 -2.54 11.85
CA ASP B 38 -30.68 -2.35 13.27
C ASP B 38 -31.99 -3.01 13.69
N VAL B 39 -33.03 -2.87 12.89
CA VAL B 39 -34.33 -3.44 13.24
C VAL B 39 -34.33 -4.95 13.09
N VAL B 40 -33.40 -5.46 12.29
CA VAL B 40 -33.22 -6.91 12.16
C VAL B 40 -32.46 -7.43 13.38
N ILE B 41 -31.48 -6.66 13.83
CA ILE B 41 -30.70 -7.02 15.00
C ILE B 41 -31.55 -7.05 16.27
N GLN B 42 -32.30 -5.97 16.50
CA GLN B 42 -33.11 -5.88 17.72
C GLN B 42 -34.32 -6.80 17.66
N ALA B 43 -34.52 -7.46 16.52
CA ALA B 43 -35.57 -8.46 16.38
C ALA B 43 -35.14 -9.77 17.04
N GLY B 44 -33.87 -9.83 17.44
CA GLY B 44 -33.33 -10.98 18.14
C GLY B 44 -33.26 -12.24 17.28
N VAL B 45 -32.93 -12.07 16.01
CA VAL B 45 -32.87 -13.20 15.09
C VAL B 45 -31.44 -13.62 14.79
N VAL B 46 -30.48 -12.80 15.19
CA VAL B 46 -29.06 -13.08 14.93
C VAL B 46 -28.58 -14.40 15.55
N PRO B 47 -28.88 -14.67 16.84
CA PRO B 47 -28.39 -15.94 17.38
C PRO B 47 -28.97 -17.16 16.65
N ARG B 48 -30.20 -17.05 16.16
CA ARG B 48 -30.83 -18.13 15.43
C ARG B 48 -30.20 -18.32 14.06
N LEU B 49 -29.85 -17.21 13.40
CA LEU B 49 -29.20 -17.25 12.11
C LEU B 49 -27.82 -17.91 12.23
N VAL B 50 -27.17 -17.70 13.36
CA VAL B 50 -25.86 -18.30 13.63
C VAL B 50 -26.00 -19.81 13.77
N GLU B 51 -27.09 -20.25 14.40
CA GLU B 51 -27.35 -21.68 14.58
C GLU B 51 -27.46 -22.40 13.23
N PHE B 52 -27.98 -21.69 12.23
CA PHE B 52 -28.19 -22.29 10.91
C PHE B 52 -26.88 -22.53 10.16
N MET B 53 -25.78 -22.04 10.73
CA MET B 53 -24.48 -22.24 10.11
C MET B 53 -23.73 -23.43 10.71
N ARG B 54 -24.37 -24.11 11.65
CA ARG B 54 -23.75 -25.28 12.27
C ARG B 54 -23.48 -26.37 11.23
N GLU B 55 -22.56 -27.27 11.57
CA GLU B 55 -21.98 -28.21 10.62
C GLU B 55 -22.99 -28.97 9.75
N ASN B 56 -23.92 -29.68 10.37
CA ASN B 56 -24.87 -30.50 9.61
C ASN B 56 -26.25 -29.87 9.47
N GLN B 57 -26.27 -28.56 9.25
CA GLN B 57 -27.49 -27.88 8.85
C GLN B 57 -27.63 -27.99 7.33
N PRO B 58 -28.87 -27.89 6.81
CA PRO B 58 -29.08 -27.91 5.36
C PRO B 58 -28.24 -26.88 4.63
N GLU B 59 -27.69 -27.26 3.47
CA GLU B 59 -26.75 -26.41 2.73
C GLU B 59 -27.36 -25.05 2.40
N MET B 60 -28.58 -25.07 1.84
CA MET B 60 -29.22 -23.84 1.42
C MET B 60 -29.58 -22.97 2.62
N LEU B 61 -29.74 -23.61 3.78
CA LEU B 61 -29.99 -22.87 5.01
C LEU B 61 -28.70 -22.21 5.51
N GLN B 62 -27.60 -22.94 5.43
CA GLN B 62 -26.29 -22.40 5.78
C GLN B 62 -25.93 -21.22 4.89
N LEU B 63 -26.26 -21.35 3.60
CA LEU B 63 -25.95 -20.33 2.61
C LEU B 63 -26.68 -19.03 2.90
N GLU B 64 -28.01 -19.10 3.01
CA GLU B 64 -28.83 -17.92 3.23
C GLU B 64 -28.54 -17.26 4.57
N ALA B 65 -28.23 -18.06 5.58
CA ALA B 65 -27.92 -17.54 6.90
C ALA B 65 -26.59 -16.78 6.90
N ALA B 66 -25.58 -17.39 6.29
CA ALA B 66 -24.27 -16.77 6.20
C ALA B 66 -24.33 -15.49 5.37
N TRP B 67 -25.17 -15.51 4.34
CA TRP B 67 -25.37 -14.35 3.49
C TRP B 67 -26.00 -13.21 4.28
N ALA B 68 -27.01 -13.54 5.07
CA ALA B 68 -27.69 -12.55 5.91
C ALA B 68 -26.73 -11.94 6.94
N LEU B 69 -25.96 -12.81 7.59
CA LEU B 69 -25.01 -12.37 8.60
C LEU B 69 -23.87 -11.57 7.98
N THR B 70 -23.56 -11.87 6.72
CA THR B 70 -22.54 -11.14 5.99
C THR B 70 -22.90 -9.66 5.87
N ASN B 71 -24.13 -9.39 5.48
CA ASN B 71 -24.60 -8.03 5.27
C ASN B 71 -24.76 -7.26 6.59
N ILE B 72 -25.10 -7.97 7.65
CA ILE B 72 -25.16 -7.36 8.98
C ILE B 72 -23.75 -6.96 9.42
N ALA B 73 -22.78 -7.78 9.07
CA ALA B 73 -21.39 -7.51 9.41
C ALA B 73 -20.79 -6.43 8.54
N SER B 74 -21.45 -6.12 7.43
CA SER B 74 -20.97 -5.11 6.50
C SER B 74 -21.40 -3.71 6.92
N GLY B 75 -22.21 -3.62 7.97
CA GLY B 75 -22.69 -2.34 8.46
C GLY B 75 -21.70 -1.64 9.36
N THR B 76 -22.21 -0.92 10.35
CA THR B 76 -21.37 -0.20 11.30
C THR B 76 -20.59 -1.16 12.18
N SER B 77 -19.65 -0.61 12.96
CA SER B 77 -18.82 -1.41 13.84
C SER B 77 -19.66 -2.06 14.94
N ALA B 78 -20.67 -1.35 15.40
CA ALA B 78 -21.57 -1.86 16.43
C ALA B 78 -22.41 -3.01 15.91
N GLN B 79 -22.79 -2.93 14.63
CA GLN B 79 -23.57 -3.98 14.00
C GLN B 79 -22.71 -5.20 13.72
N THR B 80 -21.45 -4.97 13.36
CA THR B 80 -20.49 -6.05 13.17
C THR B 80 -20.22 -6.74 14.50
N LYS B 81 -20.24 -5.95 15.57
CA LYS B 81 -20.02 -6.46 16.92
C LYS B 81 -21.10 -7.47 17.32
N VAL B 82 -22.33 -7.22 16.88
CA VAL B 82 -23.44 -8.11 17.17
C VAL B 82 -23.18 -9.50 16.60
N VAL B 83 -22.68 -9.56 15.37
CA VAL B 83 -22.34 -10.82 14.72
C VAL B 83 -21.22 -11.54 15.46
N VAL B 84 -20.21 -10.77 15.85
CA VAL B 84 -19.06 -11.32 16.58
C VAL B 84 -19.46 -11.85 17.95
N ASP B 85 -20.25 -11.07 18.67
CA ASP B 85 -20.69 -11.45 20.02
C ASP B 85 -21.59 -12.68 20.00
N ALA B 86 -22.15 -13.00 18.84
CA ALA B 86 -22.99 -14.18 18.69
C ALA B 86 -22.15 -15.41 18.36
N ASP B 87 -20.83 -15.25 18.46
CA ASP B 87 -19.88 -16.34 18.23
C ASP B 87 -20.01 -16.92 16.83
N ALA B 88 -20.22 -16.06 15.84
CA ALA B 88 -20.45 -16.49 14.47
C ALA B 88 -19.14 -16.76 13.71
N VAL B 89 -18.07 -16.09 14.12
CA VAL B 89 -16.78 -16.22 13.43
C VAL B 89 -16.23 -17.66 13.40
N PRO B 90 -16.26 -18.38 14.54
CA PRO B 90 -15.77 -19.76 14.44
C PRO B 90 -16.60 -20.64 13.51
N LEU B 91 -17.87 -20.29 13.32
CA LEU B 91 -18.73 -21.04 12.41
C LEU B 91 -18.48 -20.65 10.96
N PHE B 92 -18.20 -19.38 10.72
CA PHE B 92 -17.78 -18.91 9.41
C PHE B 92 -16.58 -19.70 8.92
N ILE B 93 -15.62 -19.87 9.82
CA ILE B 93 -14.35 -20.54 9.51
C ILE B 93 -14.56 -22.03 9.23
N GLN B 94 -15.44 -22.67 9.98
CA GLN B 94 -15.71 -24.09 9.78
C GLN B 94 -16.36 -24.34 8.43
N LEU B 95 -17.20 -23.40 7.99
CA LEU B 95 -17.88 -23.52 6.71
C LEU B 95 -16.92 -23.40 5.53
N LEU B 96 -15.72 -22.90 5.79
CA LEU B 96 -14.72 -22.72 4.74
C LEU B 96 -14.22 -24.04 4.18
N TYR B 97 -14.36 -25.12 4.94
CA TYR B 97 -13.92 -26.43 4.48
C TYR B 97 -15.01 -27.49 4.56
N THR B 98 -16.06 -27.22 5.32
CA THR B 98 -17.17 -28.18 5.43
C THR B 98 -18.24 -27.92 4.39
N GLY B 99 -18.52 -26.64 4.13
CA GLY B 99 -19.59 -26.27 3.24
C GLY B 99 -19.25 -26.47 1.77
N SER B 100 -20.26 -26.34 0.91
CA SER B 100 -20.04 -26.41 -0.53
C SER B 100 -19.36 -25.14 -1.01
N VAL B 101 -19.00 -25.10 -2.29
CA VAL B 101 -18.32 -23.95 -2.88
C VAL B 101 -19.15 -22.68 -2.71
N GLU B 102 -20.45 -22.79 -2.94
CA GLU B 102 -21.35 -21.65 -2.82
C GLU B 102 -21.41 -21.15 -1.38
N VAL B 103 -21.42 -22.08 -0.43
CA VAL B 103 -21.44 -21.74 0.98
C VAL B 103 -20.11 -21.10 1.41
N LYS B 104 -19.02 -21.57 0.83
CA LYS B 104 -17.69 -21.05 1.14
C LYS B 104 -17.56 -19.58 0.79
N GLU B 105 -18.14 -19.17 -0.33
CA GLU B 105 -18.03 -17.78 -0.78
C GLU B 105 -18.80 -16.86 0.15
N GLN B 106 -19.91 -17.35 0.68
CA GLN B 106 -20.70 -16.59 1.65
C GLN B 106 -19.88 -16.39 2.93
N ALA B 107 -19.30 -17.47 3.43
CA ALA B 107 -18.58 -17.46 4.69
C ALA B 107 -17.31 -16.61 4.63
N ILE B 108 -16.57 -16.71 3.52
CA ILE B 108 -15.32 -15.97 3.38
C ILE B 108 -15.61 -14.48 3.19
N TRP B 109 -16.77 -14.18 2.63
CA TRP B 109 -17.19 -12.79 2.47
C TRP B 109 -17.46 -12.16 3.83
N ALA B 110 -18.15 -12.92 4.69
CA ALA B 110 -18.47 -12.45 6.03
C ALA B 110 -17.22 -12.19 6.86
N LEU B 111 -16.24 -13.09 6.74
CA LEU B 111 -14.98 -12.94 7.45
C LEU B 111 -14.21 -11.71 6.97
N GLY B 112 -14.40 -11.36 5.70
CA GLY B 112 -13.79 -10.18 5.14
C GLY B 112 -14.35 -8.92 5.79
N ASN B 113 -15.66 -8.90 5.99
CA ASN B 113 -16.33 -7.77 6.63
C ASN B 113 -15.94 -7.65 8.10
N VAL B 114 -15.83 -8.78 8.78
CA VAL B 114 -15.43 -8.79 10.19
C VAL B 114 -13.99 -8.31 10.35
N ALA B 115 -13.09 -8.87 9.56
CA ALA B 115 -11.68 -8.53 9.64
C ALA B 115 -11.41 -7.09 9.19
N GLY B 116 -12.24 -6.61 8.28
CA GLY B 116 -12.08 -5.26 7.75
C GLY B 116 -12.64 -4.17 8.65
N ASP B 117 -13.27 -4.58 9.74
CA ASP B 117 -13.88 -3.63 10.67
C ASP B 117 -12.84 -2.90 11.52
N SER B 118 -11.92 -3.67 12.09
CA SER B 118 -10.91 -3.12 12.98
C SER B 118 -9.73 -4.08 13.12
N THR B 119 -8.65 -3.59 13.72
CA THR B 119 -7.48 -4.41 13.98
C THR B 119 -7.79 -5.47 15.02
N ASP B 120 -8.69 -5.14 15.95
CA ASP B 120 -9.13 -6.07 16.97
C ASP B 120 -9.82 -7.28 16.36
N TYR B 121 -10.80 -7.02 15.49
CA TYR B 121 -11.54 -8.10 14.84
C TYR B 121 -10.68 -8.81 13.80
N ARG B 122 -9.75 -8.07 13.20
CA ARG B 122 -8.78 -8.66 12.28
C ARG B 122 -7.94 -9.71 13.01
N ASP B 123 -7.41 -9.33 14.17
CA ASP B 123 -6.61 -10.23 14.98
C ASP B 123 -7.45 -11.37 15.54
N TYR B 124 -8.70 -11.05 15.91
CA TYR B 124 -9.61 -12.05 16.46
C TYR B 124 -9.88 -13.16 15.45
N VAL B 125 -10.09 -12.78 14.20
CA VAL B 125 -10.29 -13.75 13.13
C VAL B 125 -9.05 -14.65 12.99
N LEU B 126 -7.88 -14.05 13.06
CA LEU B 126 -6.63 -14.80 12.98
C LEU B 126 -6.42 -15.70 14.20
N GLN B 127 -6.84 -15.23 15.36
CA GLN B 127 -6.71 -16.00 16.60
C GLN B 127 -7.63 -17.22 16.59
N CYS B 128 -8.68 -17.16 15.78
CA CYS B 128 -9.61 -18.28 15.65
C CYS B 128 -9.13 -19.28 14.60
N ASN B 129 -7.85 -19.19 14.24
CA ASN B 129 -7.21 -20.09 13.28
C ASN B 129 -7.94 -20.12 11.93
N ALA B 130 -8.16 -18.94 11.36
CA ALA B 130 -8.86 -18.82 10.09
C ALA B 130 -7.92 -19.00 8.91
N MET B 131 -6.62 -18.79 9.15
CA MET B 131 -5.64 -18.76 8.06
C MET B 131 -5.56 -20.07 7.30
N GLU B 132 -5.54 -21.19 8.02
CA GLU B 132 -5.43 -22.50 7.37
C GLU B 132 -6.64 -22.82 6.49
N PRO B 133 -7.88 -22.64 6.99
CA PRO B 133 -9.01 -22.87 6.07
C PRO B 133 -9.04 -21.89 4.90
N ILE B 134 -8.65 -20.64 5.14
CA ILE B 134 -8.65 -19.63 4.09
C ILE B 134 -7.66 -19.97 2.98
N LEU B 135 -6.47 -20.39 3.35
CA LEU B 135 -5.47 -20.79 2.36
C LEU B 135 -5.91 -22.03 1.59
N GLY B 136 -6.77 -22.82 2.22
CA GLY B 136 -7.29 -24.02 1.58
C GLY B 136 -8.27 -23.71 0.47
N LEU B 137 -8.89 -22.53 0.54
CA LEU B 137 -9.86 -22.10 -0.47
C LEU B 137 -9.21 -21.93 -1.83
N PHE B 138 -7.92 -21.61 -1.84
CA PHE B 138 -7.22 -21.33 -3.09
C PHE B 138 -6.84 -22.61 -3.82
N ASN B 139 -7.16 -23.76 -3.22
CA ASN B 139 -7.03 -25.03 -3.91
C ASN B 139 -8.23 -25.25 -4.84
N SER B 140 -9.28 -24.46 -4.62
CA SER B 140 -10.47 -24.51 -5.46
C SER B 140 -10.24 -23.73 -6.74
N ASN B 141 -11.13 -23.89 -7.71
CA ASN B 141 -10.92 -23.32 -9.03
C ASN B 141 -11.86 -22.16 -9.35
N LYS B 142 -13.04 -22.14 -8.71
CA LYS B 142 -14.05 -21.13 -9.01
C LYS B 142 -13.53 -19.72 -8.78
N PRO B 143 -13.47 -18.91 -9.85
CA PRO B 143 -12.92 -17.56 -9.83
C PRO B 143 -13.56 -16.64 -8.79
N SER B 144 -14.89 -16.72 -8.65
CA SER B 144 -15.60 -15.87 -7.71
C SER B 144 -15.19 -16.17 -6.27
N LEU B 145 -14.93 -17.44 -5.98
CA LEU B 145 -14.46 -17.84 -4.66
C LEU B 145 -13.04 -17.34 -4.41
N ILE B 146 -12.18 -17.53 -5.40
CA ILE B 146 -10.80 -17.06 -5.31
C ILE B 146 -10.75 -15.54 -5.13
N ARG B 147 -11.60 -14.85 -5.89
CA ARG B 147 -11.66 -13.39 -5.84
C ARG B 147 -12.00 -12.87 -4.44
N THR B 148 -13.05 -13.45 -3.84
CA THR B 148 -13.50 -13.02 -2.52
C THR B 148 -12.51 -13.42 -1.43
N ALA B 149 -11.92 -14.60 -1.57
CA ALA B 149 -10.95 -15.09 -0.59
C ALA B 149 -9.70 -14.22 -0.60
N THR B 150 -9.34 -13.71 -1.77
CA THR B 150 -8.17 -12.85 -1.91
C THR B 150 -8.44 -11.50 -1.24
N TRP B 151 -9.68 -11.01 -1.37
CA TRP B 151 -10.08 -9.77 -0.74
C TRP B 151 -10.03 -9.87 0.78
N THR B 152 -10.59 -10.95 1.31
CA THR B 152 -10.57 -11.21 2.75
C THR B 152 -9.13 -11.36 3.24
N LEU B 153 -8.31 -12.02 2.43
CA LEU B 153 -6.90 -12.22 2.77
C LEU B 153 -6.17 -10.89 2.90
N SER B 154 -6.50 -9.94 2.02
CA SER B 154 -5.88 -8.62 2.05
C SER B 154 -6.32 -7.85 3.30
N ASN B 155 -7.56 -8.06 3.71
CA ASN B 155 -8.08 -7.44 4.92
C ASN B 155 -7.37 -7.95 6.18
N LEU B 156 -6.91 -9.19 6.12
CA LEU B 156 -6.22 -9.80 7.25
C LEU B 156 -4.75 -9.37 7.31
N CYS B 157 -4.25 -8.87 6.18
CA CYS B 157 -2.86 -8.40 6.12
C CYS B 157 -2.77 -6.90 6.36
N ARG B 158 -3.91 -6.21 6.25
CA ARG B 158 -3.94 -4.75 6.35
C ARG B 158 -3.93 -4.28 7.80
N GLY B 159 -3.43 -3.06 8.02
CA GLY B 159 -3.37 -2.49 9.36
C GLY B 159 -1.95 -2.50 9.91
N LYS B 160 -1.53 -1.40 10.52
CA LYS B 160 -0.17 -1.28 11.00
C LYS B 160 -0.07 -0.98 12.50
N LYS B 161 -1.14 -0.45 13.08
CA LYS B 161 -1.12 -0.11 14.50
C LYS B 161 -2.29 -0.76 15.24
N PRO B 162 -2.10 -2.03 15.67
CA PRO B 162 -0.87 -2.80 15.47
C PRO B 162 -0.90 -3.62 14.18
N GLN B 163 0.27 -4.07 13.74
CA GLN B 163 0.36 -4.98 12.61
C GLN B 163 -0.16 -6.35 13.02
N PRO B 164 -0.67 -7.13 12.05
CA PRO B 164 -1.15 -8.48 12.39
C PRO B 164 -0.02 -9.41 12.80
N ASP B 165 -0.37 -10.56 13.39
CA ASP B 165 0.61 -11.55 13.79
C ASP B 165 1.39 -12.02 12.56
N TRP B 166 2.66 -11.63 12.48
CA TRP B 166 3.49 -11.94 11.33
C TRP B 166 3.62 -13.45 11.11
N SER B 167 3.76 -14.19 12.19
CA SER B 167 3.91 -15.64 12.10
C SER B 167 2.69 -16.31 11.46
N VAL B 168 1.57 -15.59 11.43
CA VAL B 168 0.35 -16.10 10.83
C VAL B 168 0.18 -15.63 9.39
N VAL B 169 0.22 -14.31 9.19
CA VAL B 169 -0.05 -13.74 7.87
C VAL B 169 1.03 -14.03 6.84
N SER B 170 2.24 -14.32 7.31
CA SER B 170 3.35 -14.61 6.40
C SER B 170 3.19 -15.98 5.74
N GLN B 171 2.30 -16.80 6.30
CA GLN B 171 2.01 -18.11 5.74
C GLN B 171 1.26 -18.02 4.41
N ALA B 172 0.72 -16.83 4.13
CA ALA B 172 -0.07 -16.61 2.92
C ALA B 172 0.82 -16.20 1.74
N LEU B 173 2.10 -16.00 2.00
CA LEU B 173 3.03 -15.52 0.97
C LEU B 173 3.19 -16.47 -0.23
N PRO B 174 3.35 -17.79 0.01
CA PRO B 174 3.42 -18.66 -1.17
C PRO B 174 2.15 -18.65 -2.00
N THR B 175 1.00 -18.49 -1.34
CA THR B 175 -0.27 -18.41 -2.02
C THR B 175 -0.37 -17.11 -2.84
N LEU B 176 0.10 -16.01 -2.25
CA LEU B 176 0.06 -14.71 -2.91
C LEU B 176 1.00 -14.66 -4.10
N ALA B 177 2.07 -15.45 -4.04
CA ALA B 177 3.05 -15.51 -5.13
C ALA B 177 2.42 -16.13 -6.37
N LYS B 178 1.45 -17.01 -6.16
CA LYS B 178 0.71 -17.61 -7.28
C LYS B 178 -0.40 -16.69 -7.75
N LEU B 179 -1.06 -16.02 -6.80
CA LEU B 179 -2.22 -15.18 -7.10
C LEU B 179 -1.89 -14.01 -8.00
N ILE B 180 -0.63 -13.58 -8.02
CA ILE B 180 -0.23 -12.45 -8.85
C ILE B 180 0.06 -12.90 -10.29
N TYR B 181 -0.24 -14.17 -10.58
CA TYR B 181 -0.18 -14.67 -11.94
C TYR B 181 -1.59 -14.95 -12.45
N SER B 182 -2.58 -14.52 -11.68
CA SER B 182 -3.99 -14.73 -12.02
C SER B 182 -4.40 -13.93 -13.24
N MET B 183 -5.40 -14.44 -13.96
CA MET B 183 -5.95 -13.74 -15.12
C MET B 183 -7.10 -12.83 -14.69
N ASP B 184 -7.57 -13.03 -13.46
CA ASP B 184 -8.64 -12.20 -12.91
C ASP B 184 -8.08 -10.89 -12.36
N THR B 185 -8.54 -9.78 -12.93
CA THR B 185 -8.02 -8.46 -12.59
C THR B 185 -8.24 -8.11 -11.12
N GLU B 186 -9.46 -8.31 -10.64
CA GLU B 186 -9.80 -7.98 -9.26
C GLU B 186 -9.01 -8.85 -8.28
N THR B 187 -8.77 -10.09 -8.67
CA THR B 187 -7.93 -10.98 -7.87
C THR B 187 -6.50 -10.46 -7.81
N LEU B 188 -6.01 -10.00 -8.96
CA LEU B 188 -4.68 -9.40 -9.05
C LEU B 188 -4.52 -8.21 -8.12
N VAL B 189 -5.49 -7.29 -8.18
CA VAL B 189 -5.47 -6.06 -7.40
C VAL B 189 -5.35 -6.34 -5.91
N ASP B 190 -6.28 -7.12 -5.37
CA ASP B 190 -6.31 -7.43 -3.95
C ASP B 190 -5.08 -8.22 -3.51
N ALA B 191 -4.57 -9.07 -4.39
CA ALA B 191 -3.38 -9.84 -4.07
C ALA B 191 -2.18 -8.92 -3.95
N CYS B 192 -2.10 -7.93 -4.83
CA CYS B 192 -1.00 -6.97 -4.79
C CYS B 192 -1.10 -6.06 -3.57
N TRP B 193 -2.32 -5.72 -3.17
CA TRP B 193 -2.52 -4.92 -1.96
C TRP B 193 -2.09 -5.70 -0.73
N ALA B 194 -2.40 -7.00 -0.72
CA ALA B 194 -2.01 -7.86 0.39
C ALA B 194 -0.50 -7.95 0.51
N ILE B 195 0.17 -8.02 -0.64
CA ILE B 195 1.62 -8.08 -0.67
C ILE B 195 2.23 -6.77 -0.20
N SER B 196 1.61 -5.66 -0.58
CA SER B 196 2.08 -4.33 -0.18
C SER B 196 1.98 -4.16 1.34
N TYR B 197 1.00 -4.81 1.95
CA TYR B 197 0.83 -4.77 3.40
C TYR B 197 1.92 -5.59 4.09
N LEU B 198 2.15 -6.79 3.57
CA LEU B 198 3.14 -7.70 4.15
C LEU B 198 4.57 -7.18 3.94
N SER B 199 4.81 -6.55 2.81
CA SER B 199 6.13 -6.03 2.48
C SER B 199 6.43 -4.74 3.26
N ASP B 200 5.41 -4.23 3.94
CA ASP B 200 5.58 -3.03 4.75
C ASP B 200 5.97 -3.40 6.19
N GLY B 201 7.27 -3.39 6.45
CA GLY B 201 7.78 -3.75 7.76
C GLY B 201 9.29 -3.86 7.78
N PRO B 202 9.83 -4.67 8.71
CA PRO B 202 11.27 -4.86 8.87
C PRO B 202 11.89 -5.61 7.69
N GLN B 203 13.21 -5.74 7.70
CA GLN B 203 13.93 -6.39 6.61
C GLN B 203 13.59 -7.89 6.53
N GLU B 204 13.20 -8.47 7.65
CA GLU B 204 12.81 -9.88 7.68
C GLU B 204 11.53 -10.09 6.89
N ALA B 205 10.59 -9.15 7.02
CA ALA B 205 9.33 -9.22 6.30
C ALA B 205 9.55 -9.01 4.80
N ILE B 206 10.44 -8.07 4.48
CA ILE B 206 10.79 -7.80 3.09
C ILE B 206 11.49 -9.00 2.47
N GLN B 207 12.39 -9.62 3.22
CA GLN B 207 13.13 -10.78 2.73
C GLN B 207 12.20 -11.95 2.44
N ALA B 208 11.17 -12.10 3.25
CA ALA B 208 10.20 -13.17 3.08
C ALA B 208 9.45 -13.01 1.76
N VAL B 209 9.15 -11.77 1.40
CA VAL B 209 8.51 -11.46 0.13
C VAL B 209 9.46 -11.76 -1.03
N ILE B 210 10.74 -11.46 -0.83
CA ILE B 210 11.76 -11.74 -1.84
C ILE B 210 11.97 -13.24 -2.04
N ASP B 211 12.02 -13.97 -0.93
CA ASP B 211 12.35 -15.40 -0.97
C ASP B 211 11.32 -16.25 -1.71
N VAL B 212 10.09 -15.76 -1.82
CA VAL B 212 9.06 -16.49 -2.57
C VAL B 212 8.95 -16.01 -4.01
N ARG B 213 10.02 -15.36 -4.49
CA ARG B 213 10.16 -14.97 -5.90
C ARG B 213 9.08 -14.00 -6.38
N ILE B 214 8.51 -13.24 -5.44
CA ILE B 214 7.48 -12.26 -5.76
C ILE B 214 7.95 -11.03 -6.56
N PRO B 215 9.10 -10.40 -6.19
CA PRO B 215 9.48 -9.15 -6.85
C PRO B 215 9.54 -9.18 -8.38
N LYS B 216 9.96 -10.30 -8.96
CA LYS B 216 10.04 -10.43 -10.41
C LYS B 216 8.68 -10.17 -11.08
N ARG B 217 7.63 -10.74 -10.51
CA ARG B 217 6.29 -10.58 -11.07
C ARG B 217 5.73 -9.19 -10.82
N LEU B 218 6.08 -8.60 -9.67
CA LEU B 218 5.62 -7.25 -9.33
C LEU B 218 6.08 -6.23 -10.36
N VAL B 219 7.35 -6.35 -10.78
CA VAL B 219 7.91 -5.44 -11.78
C VAL B 219 7.18 -5.59 -13.11
N GLU B 220 6.83 -6.83 -13.45
CA GLU B 220 6.08 -7.09 -14.67
C GLU B 220 4.68 -6.50 -14.59
N LEU B 221 4.10 -6.52 -13.40
CA LEU B 221 2.75 -5.99 -13.18
C LEU B 221 2.72 -4.47 -13.20
N LEU B 222 3.89 -3.83 -13.21
CA LEU B 222 3.97 -2.38 -13.26
C LEU B 222 3.54 -1.88 -14.63
N SER B 223 3.52 -2.78 -15.60
CA SER B 223 3.12 -2.43 -16.97
C SER B 223 1.76 -3.04 -17.30
N HIS B 224 1.01 -3.41 -16.27
CA HIS B 224 -0.33 -3.95 -16.46
C HIS B 224 -1.25 -2.89 -17.04
N GLU B 225 -2.21 -3.31 -17.83
CA GLU B 225 -3.11 -2.39 -18.52
C GLU B 225 -3.91 -1.52 -17.55
N SER B 226 -4.10 -2.04 -16.34
CA SER B 226 -4.95 -1.38 -15.34
C SER B 226 -4.13 -0.66 -14.29
N THR B 227 -4.48 0.59 -14.03
CA THR B 227 -3.82 1.37 -12.99
C THR B 227 -4.25 0.87 -11.61
N LEU B 228 -5.31 0.08 -11.57
CA LEU B 228 -5.77 -0.54 -10.34
C LEU B 228 -4.84 -1.67 -9.93
N VAL B 229 -4.08 -2.19 -10.89
CA VAL B 229 -3.08 -3.22 -10.62
C VAL B 229 -1.71 -2.59 -10.38
N GLN B 230 -1.42 -1.54 -11.15
CA GLN B 230 -0.13 -0.85 -11.07
C GLN B 230 0.11 -0.23 -9.70
N THR B 231 -0.91 0.40 -9.14
CA THR B 231 -0.77 1.14 -7.89
C THR B 231 -0.36 0.26 -6.70
N PRO B 232 -1.06 -0.87 -6.46
CA PRO B 232 -0.60 -1.70 -5.34
C PRO B 232 0.72 -2.40 -5.63
N ALA B 233 0.96 -2.73 -6.89
CA ALA B 233 2.21 -3.35 -7.30
C ALA B 233 3.38 -2.39 -7.07
N LEU B 234 3.15 -1.13 -7.40
CA LEU B 234 4.15 -0.09 -7.20
C LEU B 234 4.41 0.14 -5.70
N ARG B 235 3.33 0.13 -4.93
CA ARG B 235 3.43 0.29 -3.47
C ARG B 235 4.26 -0.84 -2.86
N ALA B 236 4.03 -2.06 -3.33
CA ALA B 236 4.77 -3.22 -2.84
C ALA B 236 6.25 -3.12 -3.22
N VAL B 237 6.51 -2.77 -4.48
CA VAL B 237 7.88 -2.57 -4.95
C VAL B 237 8.56 -1.48 -4.14
N GLY B 238 7.85 -0.39 -3.90
CA GLY B 238 8.37 0.72 -3.10
C GLY B 238 8.70 0.31 -1.67
N ASN B 239 7.90 -0.61 -1.12
CA ASN B 239 8.15 -1.10 0.24
C ASN B 239 9.42 -1.94 0.33
N ILE B 240 9.65 -2.76 -0.70
CA ILE B 240 10.79 -3.66 -0.71
C ILE B 240 12.11 -2.89 -0.77
N VAL B 241 12.13 -1.79 -1.51
CA VAL B 241 13.36 -1.01 -1.65
C VAL B 241 13.59 -0.09 -0.44
N THR B 242 12.76 -0.23 0.59
CA THR B 242 13.01 0.46 1.85
C THR B 242 13.94 -0.38 2.72
N GLY B 243 14.25 -1.59 2.25
CA GLY B 243 15.16 -2.47 2.95
C GLY B 243 16.60 -2.14 2.64
N ASN B 244 17.51 -3.07 2.96
CA ASN B 244 18.93 -2.83 2.76
C ASN B 244 19.32 -2.79 1.28
N ASP B 245 20.60 -2.53 1.01
CA ASP B 245 21.09 -2.40 -0.36
C ASP B 245 20.99 -3.70 -1.15
N LEU B 246 21.14 -4.83 -0.45
CA LEU B 246 21.06 -6.14 -1.09
C LEU B 246 19.64 -6.39 -1.60
N GLN B 247 18.65 -6.12 -0.75
CA GLN B 247 17.26 -6.30 -1.10
C GLN B 247 16.83 -5.33 -2.20
N THR B 248 17.38 -4.13 -2.17
CA THR B 248 17.08 -3.11 -3.18
C THR B 248 17.66 -3.53 -4.52
N GLN B 249 18.83 -4.16 -4.50
CA GLN B 249 19.51 -4.60 -5.72
C GLN B 249 18.71 -5.68 -6.43
N VAL B 250 18.01 -6.50 -5.66
CA VAL B 250 17.15 -7.55 -6.22
C VAL B 250 16.08 -6.95 -7.12
N VAL B 251 15.44 -5.89 -6.63
CA VAL B 251 14.40 -5.19 -7.38
C VAL B 251 14.97 -4.55 -8.64
N ILE B 252 16.17 -3.99 -8.54
CA ILE B 252 16.86 -3.43 -9.69
C ILE B 252 17.16 -4.51 -10.72
N ASN B 253 17.66 -5.66 -10.23
CA ASN B 253 17.98 -6.78 -11.10
C ASN B 253 16.73 -7.36 -11.77
N ALA B 254 15.57 -7.09 -11.19
CA ALA B 254 14.31 -7.55 -11.78
C ALA B 254 13.83 -6.57 -12.86
N GLY B 255 14.58 -5.50 -13.07
CA GLY B 255 14.29 -4.55 -14.13
C GLY B 255 13.26 -3.51 -13.75
N VAL B 256 13.35 -3.00 -12.52
CA VAL B 256 12.36 -2.05 -12.03
C VAL B 256 12.58 -0.63 -12.57
N LEU B 257 13.83 -0.30 -12.89
CA LEU B 257 14.17 1.05 -13.31
C LEU B 257 13.52 1.47 -14.65
N PRO B 258 13.58 0.60 -15.68
CA PRO B 258 12.86 0.99 -16.90
C PRO B 258 11.34 1.08 -16.67
N ALA B 259 10.82 0.21 -15.82
CA ALA B 259 9.39 0.22 -15.50
C ALA B 259 9.01 1.51 -14.77
N LEU B 260 9.87 1.95 -13.85
CA LEU B 260 9.63 3.17 -13.11
C LEU B 260 9.65 4.40 -14.01
N ARG B 261 10.44 4.34 -15.07
CA ARG B 261 10.54 5.45 -16.02
C ARG B 261 9.20 5.68 -16.71
N LEU B 262 8.57 4.60 -17.15
CA LEU B 262 7.27 4.67 -17.79
C LEU B 262 6.20 5.17 -16.83
N LEU B 263 6.35 4.83 -15.54
CA LEU B 263 5.39 5.22 -14.53
C LEU B 263 5.49 6.70 -14.18
N LEU B 264 6.61 7.32 -14.53
CA LEU B 264 6.80 8.75 -14.29
C LEU B 264 5.91 9.58 -15.20
N SER B 265 5.42 8.96 -16.28
CA SER B 265 4.50 9.64 -17.19
C SER B 265 3.12 8.98 -17.15
N SER B 266 2.73 8.52 -15.97
CA SER B 266 1.42 7.88 -15.79
C SER B 266 0.31 8.91 -15.65
N PRO B 267 -0.87 8.63 -16.20
CA PRO B 267 -2.04 9.50 -16.08
C PRO B 267 -2.41 9.76 -14.62
N LYS B 268 -2.30 8.75 -13.79
CA LYS B 268 -2.56 8.90 -12.36
C LYS B 268 -1.43 9.69 -11.68
N GLU B 269 -1.80 10.74 -10.96
CA GLU B 269 -0.82 11.59 -10.29
C GLU B 269 -0.12 10.86 -9.15
N ASN B 270 -0.88 10.05 -8.42
CA ASN B 270 -0.34 9.34 -7.27
C ASN B 270 0.59 8.20 -7.68
N ILE B 271 0.44 7.72 -8.90
CA ILE B 271 1.38 6.72 -9.43
C ILE B 271 2.72 7.39 -9.72
N LYS B 272 2.67 8.58 -10.32
CA LYS B 272 3.86 9.41 -10.50
C LYS B 272 4.55 9.65 -9.17
N LYS B 273 3.75 10.09 -8.19
CA LYS B 273 4.23 10.41 -6.86
C LYS B 273 4.97 9.26 -6.20
N GLU B 274 4.37 8.07 -6.23
CA GLU B 274 4.95 6.91 -5.57
C GLU B 274 6.04 6.27 -6.43
N ALA B 275 6.06 6.60 -7.72
CA ALA B 275 7.18 6.20 -8.57
C ALA B 275 8.42 6.97 -8.18
N CYS B 276 8.25 8.28 -7.94
CA CYS B 276 9.33 9.13 -7.47
C CYS B 276 9.80 8.69 -6.09
N TRP B 277 8.84 8.33 -5.24
CA TRP B 277 9.16 7.85 -3.89
C TRP B 277 9.96 6.56 -3.95
N THR B 278 9.60 5.68 -4.88
CA THR B 278 10.32 4.41 -5.07
C THR B 278 11.74 4.66 -5.56
N ILE B 279 11.87 5.51 -6.58
CA ILE B 279 13.17 5.88 -7.11
C ILE B 279 14.04 6.53 -6.02
N SER B 280 13.41 7.37 -5.20
CA SER B 280 14.12 8.06 -4.13
C SER B 280 14.69 7.08 -3.12
N ASN B 281 13.98 5.97 -2.91
CA ASN B 281 14.44 4.91 -2.04
C ASN B 281 15.60 4.15 -2.66
N ILE B 282 15.61 4.06 -3.98
CA ILE B 282 16.70 3.40 -4.70
C ILE B 282 17.92 4.32 -4.81
N THR B 283 17.69 5.59 -5.14
CA THR B 283 18.76 6.59 -5.18
C THR B 283 19.33 6.75 -3.77
N ALA B 284 18.58 6.27 -2.78
CA ALA B 284 19.02 6.32 -1.40
C ALA B 284 20.01 5.19 -1.09
N GLY B 285 20.38 4.42 -2.10
CA GLY B 285 21.27 3.29 -1.91
C GLY B 285 22.73 3.68 -2.05
N ASN B 286 23.57 2.71 -2.42
CA ASN B 286 25.00 2.96 -2.58
C ASN B 286 25.33 3.69 -3.89
N THR B 287 26.62 3.85 -4.17
CA THR B 287 27.05 4.60 -5.35
C THR B 287 26.54 3.97 -6.64
N GLU B 288 26.69 2.65 -6.76
CA GLU B 288 26.36 1.93 -7.98
C GLU B 288 24.85 1.94 -8.25
N GLN B 289 24.06 2.02 -7.19
CA GLN B 289 22.61 2.03 -7.33
C GLN B 289 22.13 3.42 -7.78
N ILE B 290 22.83 4.45 -7.35
CA ILE B 290 22.57 5.80 -7.84
C ILE B 290 22.94 5.87 -9.31
N GLN B 291 24.05 5.24 -9.66
CA GLN B 291 24.53 5.21 -11.03
C GLN B 291 23.54 4.46 -11.93
N ALA B 292 22.97 3.38 -11.41
CA ALA B 292 21.99 2.59 -12.15
C ALA B 292 20.76 3.44 -12.48
N VAL B 293 20.33 4.25 -11.52
CA VAL B 293 19.23 5.18 -11.73
C VAL B 293 19.58 6.17 -12.84
N ILE B 294 20.81 6.66 -12.81
CA ILE B 294 21.32 7.56 -13.84
C ILE B 294 21.34 6.88 -15.20
N ASP B 295 21.91 5.68 -15.25
CA ASP B 295 22.05 4.93 -16.51
C ASP B 295 20.71 4.52 -17.10
N ALA B 296 19.68 4.48 -16.25
CA ALA B 296 18.34 4.12 -16.71
C ALA B 296 17.58 5.34 -17.21
N ASN B 297 18.29 6.46 -17.32
CA ASN B 297 17.73 7.72 -17.81
C ASN B 297 16.51 8.17 -17.01
N LEU B 298 16.62 8.11 -15.69
CA LEU B 298 15.53 8.45 -14.80
C LEU B 298 15.56 9.89 -14.33
N ILE B 299 16.74 10.51 -14.38
CA ILE B 299 16.92 11.86 -13.88
C ILE B 299 16.17 12.93 -14.69
N PRO B 300 16.26 12.92 -16.03
CA PRO B 300 15.55 13.98 -16.76
C PRO B 300 14.02 14.02 -16.53
N PRO B 301 13.31 12.86 -16.52
CA PRO B 301 11.90 13.02 -16.19
C PRO B 301 11.66 13.41 -14.73
N LEU B 302 12.60 13.07 -13.85
CA LEU B 302 12.50 13.46 -12.45
C LEU B 302 12.69 14.97 -12.29
N VAL B 303 13.67 15.52 -13.01
CA VAL B 303 13.91 16.95 -12.99
C VAL B 303 12.71 17.70 -13.56
N LYS B 304 12.12 17.14 -14.61
CA LYS B 304 10.93 17.73 -15.23
C LYS B 304 9.76 17.77 -14.24
N LEU B 305 9.60 16.69 -13.47
CA LEU B 305 8.56 16.63 -12.46
C LEU B 305 8.86 17.57 -11.30
N LEU B 306 10.14 17.83 -11.07
CA LEU B 306 10.58 18.68 -9.97
C LEU B 306 10.17 20.13 -10.20
N GLU B 307 9.81 20.48 -11.43
CA GLU B 307 9.48 21.87 -11.75
C GLU B 307 8.03 22.11 -12.15
N VAL B 308 7.37 21.10 -12.72
CA VAL B 308 6.02 21.32 -13.25
C VAL B 308 4.93 20.47 -12.61
N ALA B 309 5.31 19.43 -11.89
CA ALA B 309 4.32 18.54 -11.28
C ALA B 309 3.70 19.14 -10.03
N GLU B 310 2.62 18.52 -9.55
CA GLU B 310 1.98 18.95 -8.31
C GLU B 310 2.94 18.77 -7.14
N TYR B 311 2.74 19.54 -6.08
CA TYR B 311 3.69 19.59 -4.98
C TYR B 311 3.93 18.23 -4.32
N LYS B 312 2.87 17.43 -4.17
CA LYS B 312 2.99 16.14 -3.52
C LYS B 312 3.87 15.20 -4.34
N THR B 313 3.86 15.37 -5.66
CA THR B 313 4.73 14.61 -6.55
C THR B 313 6.11 15.27 -6.61
N LYS B 314 6.11 16.59 -6.66
CA LYS B 314 7.34 17.37 -6.77
C LYS B 314 8.26 17.16 -5.57
N LYS B 315 7.67 17.02 -4.39
CA LYS B 315 8.45 16.84 -3.16
C LYS B 315 9.13 15.47 -3.12
N GLU B 316 8.56 14.51 -3.84
CA GLU B 316 9.11 13.17 -3.90
C GLU B 316 10.27 13.13 -4.90
N ALA B 317 10.13 13.88 -5.99
CA ALA B 317 11.19 14.02 -6.97
C ALA B 317 12.39 14.71 -6.33
N CYS B 318 12.10 15.62 -5.41
CA CYS B 318 13.14 16.32 -4.67
C CYS B 318 13.97 15.34 -3.86
N TRP B 319 13.29 14.45 -3.13
CA TRP B 319 13.96 13.41 -2.37
C TRP B 319 14.89 12.58 -3.25
N ALA B 320 14.39 12.15 -4.40
CA ALA B 320 15.16 11.32 -5.32
C ALA B 320 16.45 12.00 -5.76
N ILE B 321 16.33 13.25 -6.20
CA ILE B 321 17.48 14.01 -6.65
C ILE B 321 18.39 14.39 -5.49
N SER B 322 17.79 14.78 -4.36
CA SER B 322 18.56 15.17 -3.19
C SER B 322 19.39 14.00 -2.66
N ASN B 323 18.79 12.82 -2.61
CA ASN B 323 19.53 11.62 -2.24
C ASN B 323 20.71 11.45 -3.20
N ALA B 324 20.41 11.20 -4.47
CA ALA B 324 21.43 10.99 -5.51
C ALA B 324 22.58 11.99 -5.44
N SER B 325 22.30 13.19 -5.00
CA SER B 325 23.31 14.22 -4.89
C SER B 325 24.28 13.93 -3.78
N SER B 326 23.79 13.44 -2.67
CA SER B 326 24.68 12.96 -1.66
C SER B 326 25.73 12.00 -2.16
N GLY B 327 25.47 11.33 -3.25
CA GLY B 327 26.39 10.31 -3.67
C GLY B 327 27.53 10.95 -4.40
N GLY B 328 27.40 12.23 -4.62
CA GLY B 328 28.38 12.95 -5.43
C GLY B 328 29.73 13.10 -4.75
N LEU B 329 29.77 12.83 -3.45
CA LEU B 329 31.03 12.88 -2.71
C LEU B 329 31.97 11.76 -3.15
N GLN B 330 31.43 10.55 -3.25
CA GLN B 330 32.22 9.40 -3.66
C GLN B 330 32.43 9.38 -5.17
N ARG B 331 31.50 9.97 -5.90
CA ARG B 331 31.61 10.06 -7.35
C ARG B 331 31.10 11.41 -7.84
N PRO B 332 32.03 12.36 -8.04
CA PRO B 332 31.70 13.74 -8.45
C PRO B 332 31.00 13.82 -9.80
N ASP B 333 31.14 12.78 -10.63
CA ASP B 333 30.47 12.74 -11.92
C ASP B 333 28.96 12.68 -11.76
N ILE B 334 28.50 12.18 -10.62
CA ILE B 334 27.07 12.13 -10.32
C ILE B 334 26.52 13.55 -10.21
N ILE B 335 27.23 14.40 -9.48
CA ILE B 335 26.86 15.80 -9.35
C ILE B 335 26.92 16.50 -10.71
N ARG B 336 28.00 16.24 -11.44
CA ARG B 336 28.19 16.82 -12.77
C ARG B 336 27.02 16.50 -13.69
N TYR B 337 26.57 15.25 -13.65
CA TYR B 337 25.44 14.83 -14.46
C TYR B 337 24.14 15.51 -14.02
N LEU B 338 23.90 15.50 -12.70
CA LEU B 338 22.70 16.13 -12.14
C LEU B 338 22.61 17.60 -12.51
N VAL B 339 23.72 18.32 -12.37
CA VAL B 339 23.77 19.74 -12.70
C VAL B 339 23.54 19.95 -14.20
N SER B 340 24.17 19.10 -15.01
CA SER B 340 24.05 19.22 -16.47
C SER B 340 22.63 18.93 -16.95
N GLN B 341 21.85 18.23 -16.14
CA GLN B 341 20.47 17.92 -16.49
C GLN B 341 19.53 19.04 -16.02
N GLY B 342 20.11 20.08 -15.44
CA GLY B 342 19.36 21.26 -15.04
C GLY B 342 18.49 21.08 -13.81
N CYS B 343 19.09 20.54 -12.74
CA CYS B 343 18.34 20.27 -11.52
C CYS B 343 18.41 21.42 -10.52
N ILE B 344 19.39 22.30 -10.70
CA ILE B 344 19.67 23.36 -9.74
C ILE B 344 18.51 24.36 -9.59
N LYS B 345 18.03 24.88 -10.72
CA LYS B 345 16.94 25.86 -10.68
C LYS B 345 15.62 25.29 -10.15
N PRO B 346 15.21 24.07 -10.59
CA PRO B 346 14.00 23.51 -9.99
C PRO B 346 14.11 23.29 -8.48
N LEU B 347 15.29 22.93 -8.01
CA LEU B 347 15.54 22.76 -6.58
C LEU B 347 15.38 24.10 -5.86
N CYS B 348 16.06 25.12 -6.36
CA CYS B 348 16.03 26.46 -5.77
C CYS B 348 14.62 27.04 -5.78
N ASP B 349 13.91 26.85 -6.88
CA ASP B 349 12.55 27.36 -7.01
C ASP B 349 11.60 26.70 -6.01
N LEU B 350 11.93 25.48 -5.62
CA LEU B 350 11.12 24.73 -4.68
C LEU B 350 11.21 25.29 -3.26
N LEU B 351 12.32 25.97 -2.98
CA LEU B 351 12.59 26.50 -1.65
C LEU B 351 11.53 27.50 -1.14
N GLU B 352 10.76 28.06 -2.05
CA GLU B 352 9.83 29.12 -1.69
C GLU B 352 8.37 28.66 -1.63
N ILE B 353 8.14 27.37 -1.82
CA ILE B 353 6.78 26.83 -1.76
C ILE B 353 6.71 25.52 -0.97
N ALA B 354 7.86 25.06 -0.48
CA ALA B 354 7.95 23.73 0.12
C ALA B 354 7.70 23.72 1.63
N ASP B 355 7.57 22.52 2.19
CA ASP B 355 7.43 22.34 3.63
C ASP B 355 8.74 22.69 4.32
N ASN B 356 8.71 22.75 5.65
CA ASN B 356 9.93 22.96 6.43
C ASN B 356 10.89 21.77 6.27
N ARG B 357 10.32 20.61 5.96
CA ARG B 357 11.11 19.40 5.83
C ARG B 357 11.72 19.28 4.44
N ILE B 358 10.92 19.56 3.41
CA ILE B 358 11.38 19.49 2.03
C ILE B 358 12.45 20.55 1.74
N ILE B 359 12.28 21.74 2.32
CA ILE B 359 13.27 22.80 2.19
C ILE B 359 14.62 22.33 2.73
N GLU B 360 14.57 21.66 3.88
CA GLU B 360 15.78 21.10 4.49
C GLU B 360 16.40 20.04 3.58
N VAL B 361 15.54 19.27 2.91
CA VAL B 361 15.99 18.26 1.97
C VAL B 361 16.62 18.91 0.74
N THR B 362 16.00 19.98 0.26
CA THR B 362 16.50 20.71 -0.89
C THR B 362 17.83 21.38 -0.58
N LEU B 363 17.95 21.96 0.61
CA LEU B 363 19.17 22.64 1.03
C LEU B 363 20.36 21.68 1.10
N ASP B 364 20.10 20.44 1.51
CA ASP B 364 21.14 19.42 1.55
C ASP B 364 21.60 19.07 0.14
N ALA B 365 20.65 19.00 -0.79
CA ALA B 365 20.97 18.73 -2.19
C ALA B 365 21.85 19.84 -2.76
N LEU B 366 21.45 21.08 -2.54
CA LEU B 366 22.19 22.24 -3.02
C LEU B 366 23.56 22.32 -2.37
N GLU B 367 23.64 21.93 -1.10
CA GLU B 367 24.92 21.94 -0.38
C GLU B 367 25.86 20.89 -0.95
N ASN B 368 25.33 19.71 -1.25
CA ASN B 368 26.11 18.65 -1.85
C ASN B 368 26.66 19.06 -3.22
N ILE B 369 25.83 19.80 -3.97
CA ILE B 369 26.26 20.33 -5.26
C ILE B 369 27.35 21.37 -5.08
N LEU B 370 27.17 22.24 -4.09
CA LEU B 370 28.17 23.28 -3.79
C LEU B 370 29.46 22.68 -3.24
N LYS B 371 29.33 21.71 -2.35
CA LYS B 371 30.49 21.07 -1.72
C LYS B 371 31.36 20.37 -2.76
N MET B 372 30.72 19.82 -3.78
CA MET B 372 31.42 19.17 -4.88
C MET B 372 32.13 20.23 -5.73
N GLY B 373 31.51 21.40 -5.85
CA GLY B 373 32.05 22.48 -6.64
C GLY B 373 33.38 23.00 -6.12
N GLU B 374 33.45 23.20 -4.79
CA GLU B 374 34.67 23.68 -4.16
C GLU B 374 35.77 22.62 -4.20
N ALA B 375 35.37 21.37 -4.02
CA ALA B 375 36.31 20.25 -4.01
C ALA B 375 36.98 20.10 -5.38
N ASP B 376 36.25 20.45 -6.43
CA ASP B 376 36.76 20.32 -7.79
C ASP B 376 37.65 21.50 -8.16
N LYS B 377 37.24 22.71 -7.81
CA LYS B 377 37.99 23.90 -8.16
C LYS B 377 39.28 24.00 -7.34
N GLU B 378 39.28 23.36 -6.18
CA GLU B 378 40.47 23.31 -5.33
C GLU B 378 41.49 22.33 -5.89
N ALA B 379 41.00 21.18 -6.36
CA ALA B 379 41.84 20.15 -6.91
C ALA B 379 42.35 20.51 -8.30
N ARG B 380 41.60 21.37 -9.00
CA ARG B 380 41.96 21.78 -10.34
C ARG B 380 42.57 23.18 -10.36
N GLY B 381 42.64 23.81 -9.20
CA GLY B 381 43.25 25.12 -9.06
C GLY B 381 42.50 26.21 -9.80
N LEU B 382 41.24 26.43 -9.43
CA LEU B 382 40.44 27.48 -10.02
C LEU B 382 40.03 28.50 -8.95
N ASN B 383 39.54 29.66 -9.39
CA ASN B 383 39.19 30.72 -8.47
C ASN B 383 37.69 30.90 -8.30
N ILE B 384 36.91 30.19 -9.11
CA ILE B 384 35.45 30.34 -9.08
C ILE B 384 34.72 29.00 -9.12
N ASN B 385 33.80 28.82 -8.17
CA ASN B 385 32.91 27.65 -8.15
C ASN B 385 31.74 27.87 -9.11
N GLU B 386 31.73 27.13 -10.22
CA GLU B 386 30.70 27.34 -11.24
C GLU B 386 29.34 26.86 -10.77
N ASN B 387 29.32 25.84 -9.91
CA ASN B 387 28.07 25.38 -9.31
C ASN B 387 27.46 26.48 -8.45
N ALA B 388 28.32 27.29 -7.83
CA ALA B 388 27.86 28.45 -7.08
C ALA B 388 27.34 29.52 -8.04
N ASP B 389 27.96 29.61 -9.20
CA ASP B 389 27.51 30.53 -10.25
C ASP B 389 26.20 30.07 -10.85
N PHE B 390 26.09 28.75 -11.08
CA PHE B 390 24.88 28.17 -11.62
C PHE B 390 23.68 28.46 -10.72
N ILE B 391 23.88 28.37 -9.42
CA ILE B 391 22.83 28.66 -8.45
C ILE B 391 22.46 30.14 -8.50
N GLU B 392 23.48 31.00 -8.55
CA GLU B 392 23.27 32.44 -8.58
C GLU B 392 22.61 32.88 -9.89
N LYS B 393 23.07 32.30 -11.01
CA LYS B 393 22.50 32.62 -12.31
C LYS B 393 21.08 32.10 -12.44
N ALA B 394 20.75 31.07 -11.67
CA ALA B 394 19.39 30.53 -11.67
C ALA B 394 18.47 31.37 -10.79
N GLY B 395 19.07 32.27 -10.03
CA GLY B 395 18.31 33.14 -9.15
C GLY B 395 17.88 32.44 -7.88
N GLY B 396 18.60 31.39 -7.51
CA GLY B 396 18.28 30.62 -6.33
C GLY B 396 19.12 31.03 -5.13
N MET B 397 20.22 31.72 -5.41
CA MET B 397 21.10 32.26 -4.37
C MET B 397 20.31 33.11 -3.38
N GLU B 398 19.38 33.91 -3.91
CA GLU B 398 18.50 34.70 -3.08
C GLU B 398 17.49 33.83 -2.34
N LYS B 399 16.97 32.82 -3.03
CA LYS B 399 16.00 31.93 -2.44
C LYS B 399 16.63 31.11 -1.32
N ILE B 400 17.91 30.80 -1.47
CA ILE B 400 18.66 30.13 -0.42
C ILE B 400 18.67 31.00 0.83
N PHE B 401 18.87 32.30 0.64
CA PHE B 401 18.83 33.22 1.77
C PHE B 401 17.54 34.02 1.81
N ASN B 402 16.44 33.35 1.48
CA ASN B 402 15.11 33.82 1.83
C ASN B 402 14.48 32.80 2.78
N CYS B 403 15.30 31.85 3.20
CA CYS B 403 14.86 30.74 4.04
C CYS B 403 15.37 30.86 5.48
N GLN B 404 16.11 31.93 5.76
CA GLN B 404 16.57 32.17 7.12
C GLN B 404 15.54 33.03 7.86
N GLN B 405 14.70 33.69 7.09
CA GLN B 405 13.53 34.39 7.62
C GLN B 405 12.60 33.37 8.27
N ASN B 406 12.56 32.17 7.69
CA ASN B 406 11.83 31.04 8.24
C ASN B 406 12.19 30.79 9.70
N GLU B 407 11.17 30.61 10.53
CA GLU B 407 11.34 30.59 11.98
C GLU B 407 11.87 29.27 12.52
N ASN B 408 12.02 28.26 11.68
CA ASN B 408 12.64 27.02 12.12
C ASN B 408 14.13 27.24 12.35
N ASP B 409 14.58 26.96 13.57
CA ASP B 409 15.96 27.24 13.96
C ASP B 409 16.98 26.41 13.19
N LYS B 410 16.53 25.35 12.53
CA LYS B 410 17.41 24.60 11.64
C LYS B 410 16.82 24.41 10.25
N ILE B 411 16.44 25.53 9.65
CA ILE B 411 16.41 25.70 8.21
C ILE B 411 17.36 26.88 8.06
N TYR B 412 17.85 27.29 9.22
CA TYR B 412 18.49 28.56 9.45
C TYR B 412 20.00 28.50 9.28
N GLU B 413 20.62 27.47 9.85
CA GLU B 413 22.07 27.36 9.87
C GLU B 413 22.66 26.97 8.51
N LYS B 414 22.10 25.93 7.89
CA LYS B 414 22.55 25.53 6.56
C LYS B 414 22.37 26.65 5.55
N ALA B 415 21.25 27.36 5.66
CA ALA B 415 20.91 28.44 4.73
C ALA B 415 21.98 29.51 4.70
N TYR B 416 22.48 29.90 5.86
CA TYR B 416 23.48 30.97 5.93
C TYR B 416 24.89 30.38 5.88
N LYS B 417 25.04 29.12 6.26
CA LYS B 417 26.32 28.43 6.09
C LYS B 417 26.65 28.32 4.61
N ILE B 418 25.61 28.09 3.81
CA ILE B 418 25.74 28.07 2.36
C ILE B 418 26.15 29.45 1.85
N ILE B 419 25.54 30.49 2.40
CA ILE B 419 25.85 31.86 2.01
C ILE B 419 27.22 32.29 2.54
N GLU B 420 27.56 31.83 3.75
CA GLU B 420 28.84 32.18 4.36
C GLU B 420 30.02 31.50 3.68
N THR B 421 29.79 30.29 3.18
CA THR B 421 30.87 29.48 2.62
C THR B 421 31.06 29.68 1.12
N TYR B 422 29.95 29.86 0.40
CA TYR B 422 30.01 29.87 -1.06
C TYR B 422 29.63 31.21 -1.68
N PHE B 423 29.10 32.11 -0.86
CA PHE B 423 28.63 33.39 -1.37
C PHE B 423 29.02 34.56 -0.45
#